data_8EY6
#
_entry.id   8EY6
#
_cell.length_a   36.523
_cell.length_b   46.187
_cell.length_c   58.895
_cell.angle_alpha   90.000
_cell.angle_beta   90.000
_cell.angle_gamma   90.000
#
_symmetry.space_group_name_H-M   'P 21 21 21'
#
loop_
_entity.id
_entity.type
_entity.pdbx_description
1 polymer 'Isoform 2 of La-related protein 1'
2 polymer "RNA (5'-R(*AP*AP*AP*AP*AP*G)-3')"
3 non-polymer 'SULFATE ION'
4 water water
#
loop_
_entity_poly.entity_id
_entity_poly.type
_entity_poly.pdbx_seq_one_letter_code
_entity_poly.pdbx_strand_id
1 'polypeptide(L)'
;MGSSHHHHHHSQELLKDYIKRQIEYYFSVDNLERDFFLRRKMDADGFLPITLIASFHRVQALTTDISLIFAALKDSKVVE
IVDEKVRRREEPEKWPLPP
;
A
2 'polyribonucleotide' AAAAAG B
#
loop_
_chem_comp.id
_chem_comp.type
_chem_comp.name
_chem_comp.formula
A RNA linking ADENOSINE-5'-MONOPHOSPHATE 'C10 H14 N5 O7 P'
G RNA linking GUANOSINE-5'-MONOPHOSPHATE 'C10 H14 N5 O8 P'
SO4 non-polymer 'SULFATE ION' 'O4 S -2'
#
# COMPACT_ATOMS: atom_id res chain seq x y z
N SER A 11 -20.69 0.27 5.36
CA SER A 11 -21.13 0.92 4.12
C SER A 11 -19.93 1.50 3.39
N GLN A 12 -19.69 2.79 3.61
CA GLN A 12 -18.35 3.29 3.34
C GLN A 12 -17.33 2.64 4.27
N GLU A 13 -17.75 2.33 5.50
CA GLU A 13 -16.89 1.51 6.36
C GLU A 13 -16.61 0.16 5.72
N LEU A 14 -17.62 -0.43 5.07
CA LEU A 14 -17.41 -1.71 4.43
C LEU A 14 -16.46 -1.54 3.26
N LEU A 15 -16.62 -0.47 2.51
CA LEU A 15 -15.73 -0.31 1.38
C LEU A 15 -14.31 -0.04 1.86
N LYS A 16 -14.16 0.71 2.97
CA LYS A 16 -12.83 0.90 3.54
C LYS A 16 -12.18 -0.43 3.93
N ASP A 17 -12.96 -1.37 4.45
CA ASP A 17 -12.37 -2.64 4.86
C ASP A 17 -11.83 -3.41 3.66
N TYR A 18 -12.58 -3.41 2.55
CA TYR A 18 -12.10 -4.09 1.35
C TYR A 18 -10.84 -3.42 0.82
N ILE A 19 -10.80 -2.08 0.85
CA ILE A 19 -9.58 -1.39 0.39
C ILE A 19 -8.40 -1.74 1.29
N LYS A 20 -8.62 -1.69 2.60
CA LYS A 20 -7.55 -2.01 3.55
C LYS A 20 -6.99 -3.39 3.29
N ARG A 21 -7.85 -4.40 3.17
CA ARG A 21 -7.33 -5.74 3.02
C ARG A 21 -6.65 -5.92 1.67
N GLN A 22 -7.12 -5.22 0.63
CA GLN A 22 -6.46 -5.32 -0.68
C GLN A 22 -5.05 -4.77 -0.61
N ILE A 23 -4.88 -3.60 0.02
CA ILE A 23 -3.55 -3.00 0.06
C ILE A 23 -2.67 -3.77 1.05
N GLU A 24 -3.27 -4.32 2.09
CA GLU A 24 -2.50 -5.17 3.01
C GLU A 24 -1.97 -6.40 2.29
N TYR A 25 -2.68 -6.91 1.29
CA TYR A 25 -2.11 -8.00 0.51
C TYR A 25 -0.86 -7.54 -0.25
N TYR A 26 -0.94 -6.38 -0.91
CA TYR A 26 0.21 -5.92 -1.68
C TYR A 26 1.46 -5.88 -0.81
N PHE A 27 1.30 -5.53 0.46
CA PHE A 27 2.41 -5.36 1.37
C PHE A 27 2.67 -6.60 2.21
N SER A 28 2.04 -7.72 1.89
CA SER A 28 2.35 -8.98 2.56
C SER A 28 3.64 -9.58 2.04
N VAL A 29 4.29 -10.35 2.89
CA VAL A 29 5.53 -11.02 2.47
C VAL A 29 5.27 -11.93 1.29
N ASP A 30 4.13 -12.63 1.29
CA ASP A 30 3.82 -13.54 0.20
C ASP A 30 3.82 -12.82 -1.15
N ASN A 31 3.19 -11.65 -1.21
CA ASN A 31 3.21 -10.88 -2.45
C ASN A 31 4.58 -10.25 -2.70
N LEU A 32 5.20 -9.70 -1.65
CA LEU A 32 6.44 -8.96 -1.87
C LEU A 32 7.54 -9.84 -2.44
N GLU A 33 7.53 -11.14 -2.12
CA GLU A 33 8.59 -12.01 -2.62
C GLU A 33 8.61 -12.07 -4.14
N ARG A 34 7.50 -11.74 -4.80
CA ARG A 34 7.42 -11.88 -6.25
C ARG A 34 7.06 -10.57 -6.94
N ASP A 35 6.76 -9.51 -6.19
CA ASP A 35 6.29 -8.26 -6.75
C ASP A 35 7.47 -7.34 -7.04
N PHE A 36 8.14 -7.59 -8.15
CA PHE A 36 9.35 -6.82 -8.41
C PHE A 36 9.04 -5.40 -8.82
N PHE A 37 7.90 -5.15 -9.47
CA PHE A 37 7.52 -3.79 -9.82
C PHE A 37 7.36 -2.93 -8.57
N LEU A 38 6.57 -3.43 -7.62
CA LEU A 38 6.33 -2.66 -6.41
C LEU A 38 7.64 -2.35 -5.71
N ARG A 39 8.55 -3.33 -5.64
CA ARG A 39 9.79 -3.13 -4.91
C ARG A 39 10.72 -2.18 -5.66
N ARG A 40 10.68 -2.17 -7.00
CA ARG A 40 11.49 -1.23 -7.76
C ARG A 40 11.02 0.21 -7.59
N LYS A 41 9.73 0.41 -7.27
CA LYS A 41 9.21 1.75 -7.02
C LYS A 41 9.40 2.21 -5.58
N MET A 42 9.85 1.33 -4.70
CA MET A 42 10.14 1.76 -3.34
C MET A 42 11.34 2.70 -3.32
N ASP A 43 11.30 3.63 -2.38
CA ASP A 43 12.53 4.31 -2.02
C ASP A 43 13.35 3.41 -1.10
N ALA A 44 14.59 3.82 -0.84
CA ALA A 44 15.49 3.03 -0.02
C ALA A 44 14.91 2.68 1.35
N ASP A 45 13.93 3.44 1.84
CA ASP A 45 13.29 3.17 3.14
C ASP A 45 12.06 2.26 3.02
N GLY A 46 11.70 1.84 1.81
CA GLY A 46 10.53 1.02 1.62
C GLY A 46 9.27 1.77 1.29
N PHE A 47 9.31 3.09 1.24
CA PHE A 47 8.10 3.86 1.02
C PHE A 47 7.72 3.91 -0.45
N LEU A 48 6.42 3.90 -0.70
CA LEU A 48 5.81 4.08 -2.00
C LEU A 48 4.76 5.16 -1.90
N PRO A 49 4.52 5.91 -2.98
CA PRO A 49 3.45 6.91 -2.96
C PRO A 49 2.11 6.23 -2.84
N ILE A 50 1.26 6.72 -1.94
CA ILE A 50 -0.07 6.14 -1.85
C ILE A 50 -0.82 6.31 -3.17
N THR A 51 -0.54 7.37 -3.92
CA THR A 51 -1.25 7.51 -5.20
C THR A 51 -0.80 6.49 -6.22
N LEU A 52 0.39 5.90 -6.07
CA LEU A 52 0.76 4.79 -6.94
C LEU A 52 -0.08 3.56 -6.61
N ILE A 53 -0.26 3.26 -5.32
CA ILE A 53 -1.14 2.15 -4.94
C ILE A 53 -2.55 2.39 -5.45
N ALA A 54 -3.01 3.65 -5.39
CA ALA A 54 -4.36 4.00 -5.81
C ALA A 54 -4.63 3.62 -7.25
N SER A 55 -3.57 3.62 -8.07
CA SER A 55 -3.71 3.28 -9.48
C SER A 55 -3.80 1.78 -9.74
N PHE A 56 -3.54 0.94 -8.75
CA PHE A 56 -3.53 -0.50 -9.02
C PHE A 56 -4.96 -0.96 -9.30
N HIS A 57 -5.10 -1.86 -10.27
CA HIS A 57 -6.42 -2.19 -10.81
C HIS A 57 -7.42 -2.53 -9.71
N ARG A 58 -7.02 -3.34 -8.74
CA ARG A 58 -8.00 -3.81 -7.76
C ARG A 58 -8.37 -2.72 -6.76
N VAL A 59 -7.49 -1.74 -6.56
CA VAL A 59 -7.88 -0.62 -5.70
C VAL A 59 -8.76 0.35 -6.46
N GLN A 60 -8.41 0.63 -7.72
CA GLN A 60 -9.16 1.64 -8.47
C GLN A 60 -10.56 1.13 -8.78
N ALA A 61 -10.73 -0.19 -8.87
CA ALA A 61 -12.06 -0.74 -9.04
C ALA A 61 -12.93 -0.39 -7.85
N LEU A 62 -12.34 -0.43 -6.64
CA LEU A 62 -13.12 -0.20 -5.43
C LEU A 62 -13.41 1.28 -5.21
N THR A 63 -12.46 2.16 -5.54
CA THR A 63 -12.64 3.58 -5.27
C THR A 63 -11.60 4.40 -6.00
N THR A 64 -11.97 5.64 -6.32
CA THR A 64 -11.00 6.64 -6.73
C THR A 64 -10.89 7.77 -5.73
N ASP A 65 -11.44 7.58 -4.54
CA ASP A 65 -11.47 8.57 -3.46
C ASP A 65 -10.22 8.45 -2.61
N ILE A 66 -9.29 9.40 -2.76
CA ILE A 66 -7.99 9.26 -2.10
C ILE A 66 -8.12 9.35 -0.58
N SER A 67 -9.06 10.15 -0.05
CA SER A 67 -9.18 10.20 1.42
C SER A 67 -9.70 8.87 1.95
N LEU A 68 -10.54 8.19 1.18
CA LEU A 68 -11.00 6.88 1.61
C LEU A 68 -9.87 5.88 1.66
N ILE A 69 -8.93 5.97 0.71
CA ILE A 69 -7.77 5.09 0.73
C ILE A 69 -6.89 5.38 1.93
N PHE A 70 -6.62 6.67 2.20
CA PHE A 70 -5.87 7.04 3.39
C PHE A 70 -6.57 6.54 4.65
N ALA A 71 -7.89 6.70 4.71
CA ALA A 71 -8.63 6.32 5.91
C ALA A 71 -8.56 4.81 6.13
N ALA A 72 -8.60 4.05 5.04
CA ALA A 72 -8.52 2.60 5.12
C ALA A 72 -7.18 2.16 5.69
N LEU A 73 -6.11 2.90 5.39
CA LEU A 73 -4.77 2.50 5.76
C LEU A 73 -4.36 2.98 7.14
N LYS A 74 -4.94 4.07 7.62
CA LYS A 74 -4.71 4.49 8.99
C LYS A 74 -5.03 3.37 9.96
N ASP A 75 -6.00 2.53 9.62
CA ASP A 75 -6.44 1.45 10.49
C ASP A 75 -5.61 0.18 10.35
N SER A 76 -4.48 0.23 9.67
CA SER A 76 -3.74 -0.97 9.34
C SER A 76 -2.57 -1.19 10.29
N LYS A 77 -2.42 -2.43 10.76
CA LYS A 77 -1.23 -2.86 11.48
C LYS A 77 -0.15 -3.40 10.57
N VAL A 78 -0.45 -3.57 9.29
CA VAL A 78 0.51 -4.12 8.32
C VAL A 78 1.38 -3.02 7.73
N VAL A 79 0.78 -1.86 7.46
CA VAL A 79 1.48 -0.77 6.79
C VAL A 79 1.48 0.46 7.68
N GLU A 80 2.42 1.35 7.39
CA GLU A 80 2.51 2.64 8.04
C GLU A 80 2.56 3.73 6.97
N ILE A 81 1.90 4.86 7.27
CA ILE A 81 1.84 6.01 6.37
C ILE A 81 2.69 7.11 6.97
N VAL A 82 3.51 7.75 6.14
CA VAL A 82 4.18 8.99 6.46
C VAL A 82 3.79 9.95 5.34
N ASP A 83 3.06 11.01 5.66
CA ASP A 83 2.59 11.98 4.68
C ASP A 83 1.84 11.29 3.54
N GLU A 84 2.35 11.36 2.30
N GLU A 84 2.40 11.36 2.33
CA GLU A 84 1.66 10.73 1.18
CA GLU A 84 1.76 10.80 1.15
C GLU A 84 2.24 9.36 0.81
C GLU A 84 2.30 9.42 0.78
N LYS A 85 3.15 8.83 1.61
CA LYS A 85 3.80 7.56 1.31
C LYS A 85 3.37 6.47 2.27
N VAL A 86 3.52 5.23 1.83
CA VAL A 86 3.11 4.07 2.62
C VAL A 86 4.20 3.01 2.51
N ARG A 87 4.44 2.29 3.59
CA ARG A 87 5.41 1.20 3.55
C ARG A 87 4.97 0.08 4.47
N ARG A 88 5.56 -1.10 4.27
CA ARG A 88 5.36 -2.19 5.21
C ARG A 88 5.99 -1.83 6.56
N ARG A 89 5.27 -2.08 7.66
CA ARG A 89 5.79 -1.72 8.98
C ARG A 89 6.98 -2.59 9.36
N GLU A 90 6.89 -3.89 9.11
CA GLU A 90 7.92 -4.85 9.48
C GLU A 90 9.04 -4.85 8.46
N GLU A 91 10.26 -4.51 8.91
CA GLU A 91 11.50 -4.54 8.13
C GLU A 91 11.34 -4.04 6.67
N PRO A 92 10.83 -2.83 6.47
CA PRO A 92 10.59 -2.36 5.10
C PRO A 92 11.86 -2.23 4.28
N GLU A 93 13.00 -1.94 4.91
CA GLU A 93 14.24 -1.69 4.19
C GLU A 93 14.78 -2.92 3.49
N LYS A 94 14.22 -4.10 3.76
CA LYS A 94 14.71 -5.32 3.14
C LYS A 94 14.17 -5.54 1.73
N TRP A 95 13.09 -4.85 1.36
CA TRP A 95 12.36 -5.10 0.12
C TRP A 95 12.72 -4.24 -1.10
N PRO A 96 13.17 -2.98 -0.96
CA PRO A 96 13.41 -2.19 -2.18
C PRO A 96 14.40 -2.87 -3.13
N LEU A 97 14.16 -2.70 -4.43
CA LEU A 97 15.04 -3.20 -5.47
C LEU A 97 15.50 -2.10 -6.40
N PRO A 98 16.62 -2.29 -7.10
CA PRO A 98 17.03 -1.31 -8.11
C PRO A 98 15.97 -1.13 -9.18
N PRO A 99 15.73 0.12 -9.62
CA PRO A 99 14.71 0.45 -10.61
C PRO A 99 14.85 -0.35 -11.91
S SO4 C . 2.22 -10.64 6.44
O1 SO4 C . 2.83 -11.22 5.24
O2 SO4 C . 1.69 -9.30 6.16
O3 SO4 C . 3.23 -10.55 7.49
O4 SO4 C . 1.13 -11.50 6.89
S SO4 D . 9.13 0.52 -14.93
O1 SO4 D . 10.08 0.50 -13.82
O2 SO4 D . 9.86 0.66 -16.19
O3 SO4 D . 8.21 1.65 -14.77
O4 SO4 D . 8.37 -0.72 -14.97
S SO4 E . 7.22 -3.77 -16.49
O1 SO4 E . 6.95 -5.13 -16.96
O2 SO4 E . 8.23 -3.15 -17.34
O3 SO4 E . 5.99 -2.99 -16.52
O4 SO4 E . 7.70 -3.86 -15.10
#